data_1IYQ
#
_entry.id   1IYQ
#
_cell.length_a   72.799
_cell.length_b   72.799
_cell.length_c   99.467
_cell.angle_alpha   90.00
_cell.angle_beta   90.00
_cell.angle_gamma   120.00
#
_symmetry.space_group_name_H-M   'P 32 2 1'
#
loop_
_entity.id
_entity.type
_entity.pdbx_description
1 polymer 'Toho-1 beta-lactamase'
2 non-polymer 'SULFATE ION'
3 non-polymer 'OPEN FORM - PENICILLIN G'
4 water water
#
_entity_poly.entity_id   1
_entity_poly.type   'polypeptide(L)'
_entity_poly.pdbx_seq_one_letter_code
;ANSVQQQLEALEKSSGGRLGVALINTADNSQILYRADERFAMCSTSKVMAAAAVLKQSESDKHLLNQRVEIKKSDLVNYN
PIAEKHVNGTMTLAELGAAALQYSDNTAMNKLIAHLGGPDKVTAFARSLGDETFRLDRTAPTLNTAIPGDPRDTTTPLAM
AQTLKNLTLGKALAETQRAQLVTWLKGNTTGSASIRAGLPKSWVVGDKTGSGDYGTTNDIAVIWPENHAPLVLVTYFTQP
EQKAERRRDILAAAAKIVTHGF
;
_entity_poly.pdbx_strand_id   A
#
loop_
_chem_comp.id
_chem_comp.type
_chem_comp.name
_chem_comp.formula
PNM non-polymer 'OPEN FORM - PENICILLIN G' 'C16 H20 N2 O4 S'
SO4 non-polymer 'SULFATE ION' 'O4 S -2'
#
# COMPACT_ATOMS: atom_id res chain seq x y z
N ASN A 2 30.76 -0.69 1.57
CA ASN A 2 29.53 -1.38 1.17
C ASN A 2 28.35 -0.47 1.34
N SER A 3 28.20 0.34 0.30
CA SER A 3 27.15 1.30 0.27
C SER A 3 25.83 0.62 0.41
N VAL A 4 24.80 1.43 0.66
CA VAL A 4 23.46 0.91 0.80
C VAL A 4 23.09 0.23 -0.50
N GLN A 5 23.42 0.88 -1.62
CA GLN A 5 23.12 0.35 -2.93
C GLN A 5 23.76 -1.01 -3.16
N GLN A 6 25.00 -1.16 -2.72
CA GLN A 6 25.69 -2.43 -2.86
C GLN A 6 24.99 -3.49 -2.05
N GLN A 7 24.46 -3.08 -0.91
CA GLN A 7 23.76 -4.02 -0.04
C GLN A 7 22.45 -4.44 -0.68
N LEU A 8 21.75 -3.49 -1.27
CA LEU A 8 20.49 -3.77 -1.93
C LEU A 8 20.72 -4.68 -3.11
N GLU A 9 21.74 -4.36 -3.92
CA GLU A 9 22.04 -5.15 -5.11
C GLU A 9 22.35 -6.60 -4.78
N ALA A 10 23.10 -6.80 -3.70
CA ALA A 10 23.45 -8.14 -3.29
C ALA A 10 22.17 -8.85 -2.87
N LEU A 11 21.32 -8.12 -2.15
CA LEU A 11 20.05 -8.67 -1.68
C LEU A 11 19.21 -9.14 -2.87
N GLU A 12 19.06 -8.26 -3.86
CA GLU A 12 18.29 -8.60 -5.05
C GLU A 12 18.88 -9.86 -5.72
N LYS A 13 20.20 -9.85 -5.90
CA LYS A 13 20.89 -10.97 -6.54
C LYS A 13 20.62 -12.29 -5.83
N SER A 14 20.92 -12.31 -4.54
CA SER A 14 20.72 -13.51 -3.74
C SER A 14 19.27 -13.98 -3.75
N SER A 15 18.35 -13.06 -3.93
CA SER A 15 16.93 -13.37 -3.92
C SER A 15 16.44 -13.91 -5.27
N GLY A 16 17.28 -13.83 -6.29
CA GLY A 16 16.86 -14.31 -7.60
C GLY A 16 15.55 -13.63 -7.97
N GLY A 17 15.47 -12.34 -7.66
CA GLY A 17 14.27 -11.58 -7.96
C GLY A 17 14.58 -10.16 -8.41
N ARG A 18 13.55 -9.33 -8.40
CA ARG A 18 13.67 -7.93 -8.80
C ARG A 18 13.18 -7.06 -7.64
N LEU A 19 14.12 -6.36 -7.00
CA LEU A 19 13.80 -5.51 -5.86
C LEU A 19 13.59 -4.05 -6.25
N GLY A 20 12.53 -3.46 -5.70
CA GLY A 20 12.23 -2.07 -5.96
C GLY A 20 12.13 -1.37 -4.62
N VAL A 21 12.98 -0.37 -4.38
CA VAL A 21 12.97 0.32 -3.11
C VAL A 21 12.96 1.84 -3.25
N ALA A 22 12.28 2.52 -2.33
CA ALA A 22 12.23 3.98 -2.34
C ALA A 22 11.95 4.48 -0.94
N LEU A 23 12.93 5.18 -0.37
CA LEU A 23 12.79 5.73 0.96
C LEU A 23 12.98 7.21 0.88
N ILE A 24 12.14 7.94 1.59
CA ILE A 24 12.25 9.38 1.62
C ILE A 24 12.38 9.77 3.09
N ASN A 25 13.46 10.48 3.39
CA ASN A 25 13.71 10.93 4.74
C ASN A 25 13.13 12.34 4.85
N THR A 26 11.97 12.46 5.50
CA THR A 26 11.30 13.75 5.63
C THR A 26 12.16 14.79 6.35
N ALA A 27 13.24 14.34 6.99
CA ALA A 27 14.13 15.24 7.72
C ALA A 27 14.77 16.28 6.80
N ASP A 28 15.34 15.80 5.69
CA ASP A 28 16.00 16.66 4.72
C ASP A 28 15.46 16.43 3.30
N ASN A 29 14.41 15.64 3.20
CA ASN A 29 13.79 15.30 1.91
C ASN A 29 14.72 14.48 1.03
N SER A 30 15.77 13.93 1.63
CA SER A 30 16.71 13.10 0.89
C SER A 30 16.05 11.75 0.66
N GLN A 31 16.63 10.94 -0.22
CA GLN A 31 16.07 9.64 -0.50
C GLN A 31 17.08 8.58 -0.93
N ILE A 32 16.69 7.32 -0.78
CA ILE A 32 17.52 6.19 -1.18
C ILE A 32 16.68 5.49 -2.23
N LEU A 33 17.25 5.22 -3.40
CA LEU A 33 16.49 4.59 -4.46
C LEU A 33 17.15 3.40 -5.13
N TYR A 34 16.34 2.37 -5.37
CA TYR A 34 16.80 1.16 -6.03
C TYR A 34 15.68 0.73 -6.98
N ARG A 35 15.92 0.86 -8.28
CA ARG A 35 14.90 0.51 -9.27
C ARG A 35 13.59 1.25 -8.95
N ALA A 36 13.71 2.40 -8.29
CA ALA A 36 12.55 3.19 -7.89
C ALA A 36 11.78 3.84 -9.05
N ASP A 37 12.32 3.77 -10.25
CA ASP A 37 11.63 4.33 -11.38
C ASP A 37 11.06 3.22 -12.25
N GLU A 38 11.17 1.98 -11.78
CA GLU A 38 10.66 0.82 -12.50
C GLU A 38 9.26 0.43 -11.99
N ARG A 39 8.39 0.01 -12.92
CA ARG A 39 7.03 -0.38 -12.57
C ARG A 39 6.93 -1.75 -11.92
N PHE A 40 6.10 -1.83 -10.89
CA PHE A 40 5.87 -3.09 -10.21
C PHE A 40 4.36 -3.20 -10.00
N ALA A 41 3.87 -4.44 -9.90
CA ALA A 41 2.46 -4.66 -9.65
C ALA A 41 2.23 -4.24 -8.20
N MET A 42 1.34 -3.29 -7.98
CA MET A 42 1.06 -2.82 -6.62
C MET A 42 0.37 -3.85 -5.75
N CYS A 43 -0.44 -4.71 -6.36
CA CYS A 43 -1.21 -5.69 -5.61
C CYS A 43 -2.05 -4.90 -4.60
N SER A 44 -2.25 -5.46 -3.41
CA SER A 44 -3.07 -4.79 -2.40
C SER A 44 -2.60 -3.43 -1.90
N THR A 45 -1.37 -3.02 -2.21
CA THR A 45 -0.93 -1.73 -1.74
C THR A 45 -1.71 -0.63 -2.46
N SER A 46 -2.44 -1.00 -3.51
CA SER A 46 -3.23 0.00 -4.24
C SER A 46 -4.46 0.40 -3.41
N LYS A 47 -4.83 -0.47 -2.46
CA LYS A 47 -5.98 -0.22 -1.62
C LYS A 47 -5.92 1.15 -0.95
N VAL A 48 -4.72 1.56 -0.57
CA VAL A 48 -4.52 2.87 0.06
C VAL A 48 -5.07 4.00 -0.81
N MET A 49 -4.89 3.87 -2.12
CA MET A 49 -5.36 4.89 -3.04
C MET A 49 -6.88 4.90 -3.09
N ALA A 50 -7.48 3.71 -3.01
CA ALA A 50 -8.93 3.60 -3.01
C ALA A 50 -9.48 4.28 -1.75
N ALA A 51 -8.89 3.94 -0.61
CA ALA A 51 -9.30 4.52 0.67
C ALA A 51 -9.18 6.05 0.64
N ALA A 52 -8.00 6.56 0.27
CA ALA A 52 -7.78 8.00 0.22
C ALA A 52 -8.80 8.68 -0.68
N ALA A 53 -9.19 8.01 -1.75
CA ALA A 53 -10.14 8.56 -2.71
C ALA A 53 -11.47 8.90 -2.03
N VAL A 54 -11.93 7.97 -1.20
CA VAL A 54 -13.18 8.18 -0.49
C VAL A 54 -13.06 9.22 0.62
N LEU A 55 -11.91 9.23 1.30
CA LEU A 55 -11.69 10.22 2.34
C LEU A 55 -11.74 11.60 1.69
N LYS A 56 -11.13 11.72 0.51
CA LYS A 56 -11.12 13.00 -0.19
C LYS A 56 -12.52 13.54 -0.42
N GLN A 57 -13.45 12.67 -0.80
CA GLN A 57 -14.80 13.15 -1.04
C GLN A 57 -15.62 13.29 0.23
N SER A 58 -15.13 12.72 1.32
CA SER A 58 -15.82 12.82 2.61
C SER A 58 -15.53 14.25 3.11
N GLU A 59 -14.47 14.84 2.57
CA GLU A 59 -14.10 16.21 2.91
C GLU A 59 -15.25 17.10 2.48
N SER A 60 -15.92 16.68 1.40
CA SER A 60 -17.02 17.45 0.85
C SER A 60 -18.38 16.83 1.15
N ASP A 61 -18.39 15.71 1.88
CA ASP A 61 -19.66 15.06 2.20
C ASP A 61 -19.61 14.58 3.65
N LYS A 62 -20.17 15.38 4.53
CA LYS A 62 -20.20 15.08 5.96
C LYS A 62 -20.96 13.79 6.31
N HIS A 63 -21.65 13.21 5.35
CA HIS A 63 -22.40 11.99 5.59
C HIS A 63 -21.75 10.74 4.98
N LEU A 64 -20.95 10.97 3.94
CA LEU A 64 -20.28 9.92 3.20
C LEU A 64 -19.80 8.72 4.00
N LEU A 65 -18.76 8.92 4.79
CA LEU A 65 -18.15 7.86 5.58
C LEU A 65 -19.09 7.02 6.42
N ASN A 66 -20.20 7.61 6.85
CA ASN A 66 -21.15 6.87 7.67
C ASN A 66 -22.11 6.02 6.86
N GLN A 67 -22.32 6.42 5.61
CA GLN A 67 -23.22 5.68 4.73
C GLN A 67 -22.99 4.18 4.86
N ARG A 68 -24.08 3.43 4.95
CA ARG A 68 -24.02 1.98 5.10
C ARG A 68 -24.03 1.26 3.75
N VAL A 69 -23.40 0.10 3.72
CA VAL A 69 -23.31 -0.71 2.51
C VAL A 69 -23.76 -2.13 2.85
N GLU A 70 -24.58 -2.71 2.00
CA GLU A 70 -25.10 -4.05 2.22
C GLU A 70 -24.09 -5.10 1.78
N ILE A 71 -23.93 -6.12 2.61
CA ILE A 71 -22.99 -7.20 2.32
C ILE A 71 -23.72 -8.51 2.06
N LYS A 72 -23.73 -8.91 0.81
CA LYS A 72 -24.39 -10.14 0.38
C LYS A 72 -23.33 -11.22 0.09
N LYS A 73 -23.72 -12.48 0.21
CA LYS A 73 -22.81 -13.59 -0.02
C LYS A 73 -22.24 -13.64 -1.44
N SER A 74 -22.83 -12.86 -2.35
CA SER A 74 -22.37 -12.82 -3.74
C SER A 74 -21.27 -11.78 -3.91
N ASP A 75 -20.98 -11.05 -2.82
CA ASP A 75 -19.94 -10.04 -2.85
C ASP A 75 -18.60 -10.68 -2.49
N LEU A 76 -18.67 -11.75 -1.71
CA LEU A 76 -17.47 -12.44 -1.28
C LEU A 76 -16.58 -12.90 -2.42
N VAL A 77 -15.27 -12.70 -2.25
CA VAL A 77 -14.29 -13.11 -3.24
C VAL A 77 -13.30 -14.06 -2.54
N ASN A 78 -12.03 -13.96 -2.90
CA ASN A 78 -11.01 -14.83 -2.32
C ASN A 78 -10.66 -14.50 -0.86
N TYR A 79 -10.53 -13.21 -0.56
CA TYR A 79 -10.18 -12.79 0.79
C TYR A 79 -11.11 -11.69 1.33
N ASN A 80 -11.98 -12.09 2.25
CA ASN A 80 -12.93 -11.17 2.88
C ASN A 80 -13.09 -11.52 4.36
N PRO A 81 -12.06 -11.22 5.17
CA PRO A 81 -12.03 -11.51 6.62
C PRO A 81 -13.08 -10.76 7.45
N ILE A 82 -13.49 -9.59 6.98
CA ILE A 82 -14.47 -8.78 7.70
C ILE A 82 -15.80 -8.68 6.94
N ALA A 83 -15.74 -8.77 5.61
CA ALA A 83 -16.93 -8.68 4.77
C ALA A 83 -17.87 -9.85 5.06
N GLU A 84 -17.29 -11.03 5.22
CA GLU A 84 -18.07 -12.22 5.52
C GLU A 84 -18.89 -12.06 6.80
N LYS A 85 -18.20 -11.71 7.88
CA LYS A 85 -18.84 -11.51 9.17
C LYS A 85 -20.06 -10.62 9.06
N HIS A 86 -20.16 -9.86 7.96
CA HIS A 86 -21.28 -8.95 7.78
C HIS A 86 -22.16 -9.27 6.58
N VAL A 87 -22.20 -10.55 6.20
CA VAL A 87 -23.05 -10.97 5.09
C VAL A 87 -24.47 -11.05 5.62
N ASN A 88 -25.40 -10.40 4.90
CA ASN A 88 -26.81 -10.33 5.28
C ASN A 88 -27.01 -9.09 6.16
N GLY A 89 -25.90 -8.42 6.47
CA GLY A 89 -25.93 -7.21 7.26
C GLY A 89 -25.26 -6.11 6.44
N THR A 90 -24.91 -4.99 7.05
CA THR A 90 -24.24 -3.92 6.31
C THR A 90 -22.92 -3.48 6.92
N MET A 91 -22.18 -2.66 6.16
CA MET A 91 -20.90 -2.12 6.60
C MET A 91 -20.84 -0.71 6.08
N THR A 92 -20.43 0.23 6.93
CA THR A 92 -20.33 1.63 6.51
C THR A 92 -19.08 1.82 5.66
N LEU A 93 -19.07 2.89 4.87
CA LEU A 93 -17.91 3.15 4.02
C LEU A 93 -16.65 3.14 4.90
N ALA A 94 -16.73 3.79 6.05
CA ALA A 94 -15.61 3.85 6.98
C ALA A 94 -15.12 2.46 7.40
N GLU A 95 -16.05 1.59 7.77
CA GLU A 95 -15.69 0.24 8.20
C GLU A 95 -15.05 -0.53 7.06
N LEU A 96 -15.49 -0.23 5.85
CA LEU A 96 -14.94 -0.88 4.66
C LEU A 96 -13.49 -0.45 4.52
N GLY A 97 -13.27 0.86 4.69
CA GLY A 97 -11.93 1.41 4.59
C GLY A 97 -11.03 0.71 5.60
N ALA A 98 -11.50 0.57 6.83
CA ALA A 98 -10.71 -0.08 7.87
C ALA A 98 -10.37 -1.53 7.52
N ALA A 99 -11.39 -2.30 7.17
CA ALA A 99 -11.17 -3.71 6.83
C ALA A 99 -10.23 -3.86 5.64
N ALA A 100 -10.41 -3.01 4.63
CA ALA A 100 -9.57 -3.04 3.43
C ALA A 100 -8.09 -2.78 3.69
N LEU A 101 -7.79 -1.83 4.59
CA LEU A 101 -6.39 -1.52 4.89
C LEU A 101 -5.78 -2.33 6.03
N GLN A 102 -6.53 -2.51 7.10
CA GLN A 102 -6.01 -3.24 8.28
C GLN A 102 -6.07 -4.75 8.20
N TYR A 103 -6.88 -5.25 7.27
CA TYR A 103 -7.01 -6.69 7.07
C TYR A 103 -6.90 -7.00 5.59
N SER A 104 -6.81 -5.95 4.78
CA SER A 104 -6.72 -6.07 3.34
C SER A 104 -7.84 -6.98 2.87
N ASP A 105 -9.07 -6.59 3.21
CA ASP A 105 -10.25 -7.34 2.82
C ASP A 105 -10.50 -6.99 1.36
N ASN A 106 -10.49 -8.00 0.49
CA ASN A 106 -10.69 -7.79 -0.95
C ASN A 106 -12.10 -7.35 -1.32
N THR A 107 -13.09 -7.91 -0.64
CA THR A 107 -14.48 -7.56 -0.89
C THR A 107 -14.59 -6.08 -0.56
N ALA A 108 -13.97 -5.70 0.56
CA ALA A 108 -13.96 -4.32 1.04
C ALA A 108 -13.42 -3.40 -0.05
N MET A 109 -12.28 -3.77 -0.61
CA MET A 109 -11.67 -2.97 -1.67
C MET A 109 -12.60 -2.77 -2.86
N ASN A 110 -13.26 -3.85 -3.27
CA ASN A 110 -14.18 -3.78 -4.41
C ASN A 110 -15.35 -2.86 -4.10
N LYS A 111 -15.89 -2.98 -2.89
CA LYS A 111 -17.00 -2.13 -2.49
C LYS A 111 -16.52 -0.69 -2.67
N LEU A 112 -15.34 -0.39 -2.14
CA LEU A 112 -14.80 0.97 -2.25
C LEU A 112 -14.68 1.36 -3.72
N ILE A 113 -14.20 0.43 -4.54
CA ILE A 113 -14.04 0.72 -5.97
C ILE A 113 -15.42 0.88 -6.56
N ALA A 114 -16.33 -0.01 -6.16
CA ALA A 114 -17.70 0.06 -6.64
C ALA A 114 -18.19 1.47 -6.38
N HIS A 115 -18.22 1.86 -5.11
CA HIS A 115 -18.69 3.19 -4.70
C HIS A 115 -18.05 4.34 -5.49
N LEU A 116 -16.77 4.20 -5.81
CA LEU A 116 -16.04 5.25 -6.54
C LEU A 116 -16.35 5.36 -8.04
N GLY A 117 -16.95 4.32 -8.61
CA GLY A 117 -17.26 4.38 -10.03
C GLY A 117 -16.25 3.64 -10.88
N GLY A 118 -15.56 2.67 -10.30
CA GLY A 118 -14.58 1.90 -11.05
C GLY A 118 -13.13 2.29 -10.86
N PRO A 119 -12.20 1.38 -11.19
CA PRO A 119 -10.76 1.59 -11.07
C PRO A 119 -10.29 2.88 -11.72
N ASP A 120 -10.90 3.20 -12.85
CA ASP A 120 -10.56 4.40 -13.60
C ASP A 120 -10.66 5.63 -12.71
N LYS A 121 -11.59 5.59 -11.76
CA LYS A 121 -11.80 6.72 -10.85
C LYS A 121 -10.64 6.84 -9.87
N VAL A 122 -10.16 5.71 -9.39
CA VAL A 122 -9.04 5.71 -8.46
C VAL A 122 -7.83 6.33 -9.15
N THR A 123 -7.67 6.00 -10.43
CA THR A 123 -6.57 6.53 -11.24
C THR A 123 -6.72 8.06 -11.32
N ALA A 124 -7.94 8.51 -11.59
CA ALA A 124 -8.22 9.95 -11.69
C ALA A 124 -7.86 10.65 -10.38
N PHE A 125 -8.25 10.04 -9.26
CA PHE A 125 -7.95 10.60 -7.94
C PHE A 125 -6.44 10.73 -7.78
N ALA A 126 -5.72 9.74 -8.30
CA ALA A 126 -4.26 9.75 -8.22
C ALA A 126 -3.75 10.92 -9.05
N ARG A 127 -4.26 11.05 -10.28
CA ARG A 127 -3.84 12.14 -11.15
C ARG A 127 -4.10 13.45 -10.45
N SER A 128 -5.25 13.56 -9.79
CA SER A 128 -5.61 14.79 -9.10
C SER A 128 -4.62 15.03 -7.96
N LEU A 129 -3.97 13.97 -7.49
CA LEU A 129 -2.99 14.11 -6.43
C LEU A 129 -1.60 14.32 -7.02
N GLY A 130 -1.55 14.62 -8.31
CA GLY A 130 -0.27 14.84 -8.97
C GLY A 130 0.53 13.59 -9.27
N ASP A 131 -0.05 12.43 -9.01
CA ASP A 131 0.62 11.17 -9.27
C ASP A 131 0.27 10.76 -10.70
N GLU A 132 1.25 10.86 -11.60
CA GLU A 132 1.06 10.53 -13.00
C GLU A 132 1.49 9.11 -13.36
N THR A 133 2.01 8.38 -12.36
CA THR A 133 2.50 7.02 -12.57
C THR A 133 1.45 5.95 -12.22
N PHE A 134 0.91 6.04 -11.02
CA PHE A 134 -0.09 5.11 -10.51
C PHE A 134 -1.22 4.84 -11.51
N ARG A 135 -1.63 3.58 -11.61
CA ARG A 135 -2.74 3.19 -12.47
C ARG A 135 -3.44 1.93 -11.96
N LEU A 136 -4.76 2.04 -11.77
CA LEU A 136 -5.60 0.93 -11.33
C LEU A 136 -6.44 0.53 -12.54
N ASP A 137 -6.43 -0.76 -12.87
CA ASP A 137 -7.13 -1.28 -14.02
C ASP A 137 -8.20 -2.30 -13.69
N ARG A 138 -7.93 -3.14 -12.69
CA ARG A 138 -8.88 -4.17 -12.30
C ARG A 138 -9.25 -4.09 -10.84
N THR A 139 -10.13 -5.00 -10.45
CA THR A 139 -10.61 -5.09 -9.09
C THR A 139 -9.93 -6.26 -8.42
N ALA A 140 -10.30 -6.52 -7.18
CA ALA A 140 -9.73 -7.65 -6.45
C ALA A 140 -10.51 -8.86 -6.93
N PRO A 141 -9.83 -10.00 -7.11
CA PRO A 141 -8.40 -10.18 -6.89
C PRO A 141 -7.51 -10.13 -8.15
N THR A 142 -8.12 -10.00 -9.33
CA THR A 142 -7.33 -9.98 -10.56
C THR A 142 -6.24 -8.93 -10.61
N LEU A 143 -6.40 -7.86 -9.84
CA LEU A 143 -5.37 -6.82 -9.84
C LEU A 143 -4.07 -7.40 -9.26
N ASN A 144 -4.16 -8.63 -8.75
CA ASN A 144 -3.00 -9.31 -8.14
C ASN A 144 -2.29 -10.35 -9.00
N THR A 145 -2.47 -10.30 -10.31
CA THR A 145 -1.81 -11.27 -11.18
C THR A 145 -0.30 -11.03 -11.20
N ALA A 146 0.08 -9.74 -11.21
CA ALA A 146 1.48 -9.34 -11.19
C ALA A 146 2.32 -9.95 -12.32
N ILE A 147 1.72 -10.07 -13.50
CA ILE A 147 2.43 -10.65 -14.63
C ILE A 147 3.55 -9.72 -15.10
N PRO A 148 4.79 -10.23 -15.15
CA PRO A 148 5.94 -9.43 -15.58
C PRO A 148 5.67 -8.60 -16.83
N GLY A 149 6.06 -7.33 -16.79
CA GLY A 149 5.87 -6.48 -17.95
C GLY A 149 4.44 -6.06 -18.23
N ASP A 150 3.51 -6.52 -17.39
CA ASP A 150 2.08 -6.18 -17.53
C ASP A 150 1.86 -4.80 -16.87
N PRO A 151 1.50 -3.79 -17.67
CA PRO A 151 1.23 -2.38 -17.31
C PRO A 151 0.12 -2.18 -16.27
N ARG A 152 -0.86 -3.08 -16.33
CA ARG A 152 -2.02 -3.01 -15.45
C ARG A 152 -1.72 -3.00 -13.97
N ASP A 153 -2.44 -2.12 -13.26
CA ASP A 153 -2.33 -1.98 -11.83
C ASP A 153 -0.89 -1.87 -11.34
N THR A 154 -0.13 -0.94 -11.90
CA THR A 154 1.25 -0.77 -11.49
C THR A 154 1.58 0.68 -11.14
N THR A 155 2.80 0.86 -10.62
CA THR A 155 3.30 2.16 -10.27
C THR A 155 4.79 1.95 -10.03
N THR A 156 5.50 3.00 -9.65
CA THR A 156 6.92 2.89 -9.38
C THR A 156 7.11 3.19 -7.89
N PRO A 157 8.12 2.55 -7.26
CA PRO A 157 8.39 2.76 -5.83
C PRO A 157 8.49 4.24 -5.46
N LEU A 158 9.14 5.04 -6.30
CA LEU A 158 9.26 6.46 -6.02
C LEU A 158 7.90 7.12 -6.05
N ALA A 159 7.16 6.93 -7.14
CA ALA A 159 5.84 7.52 -7.26
C ALA A 159 4.97 7.15 -6.04
N MET A 160 4.97 5.88 -5.66
CA MET A 160 4.15 5.47 -4.53
C MET A 160 4.67 6.14 -3.27
N ALA A 161 5.99 6.18 -3.15
CA ALA A 161 6.63 6.78 -1.99
C ALA A 161 6.22 8.25 -1.88
N GLN A 162 6.32 8.99 -2.98
CA GLN A 162 5.96 10.41 -2.99
C GLN A 162 4.51 10.59 -2.56
N THR A 163 3.61 9.81 -3.16
CA THR A 163 2.20 9.91 -2.86
C THR A 163 1.85 9.53 -1.42
N LEU A 164 2.40 8.41 -0.93
CA LEU A 164 2.11 8.01 0.43
C LEU A 164 2.44 9.16 1.38
N LYS A 165 3.58 9.81 1.14
CA LYS A 165 4.00 10.93 1.95
C LYS A 165 2.92 12.01 1.97
N ASN A 166 2.59 12.52 0.78
CA ASN A 166 1.58 13.56 0.62
C ASN A 166 0.28 13.20 1.31
N LEU A 167 -0.11 11.93 1.24
CA LEU A 167 -1.36 11.48 1.83
C LEU A 167 -1.31 11.43 3.35
N THR A 168 -0.19 10.95 3.87
CA THR A 168 -0.04 10.78 5.32
C THR A 168 0.67 11.91 6.07
N LEU A 169 1.53 12.66 5.38
CA LEU A 169 2.26 13.72 6.05
C LEU A 169 2.25 15.01 5.26
N GLY A 170 1.52 15.02 4.15
CA GLY A 170 1.51 16.21 3.32
C GLY A 170 0.20 16.94 3.02
N LYS A 171 0.18 17.57 1.86
CA LYS A 171 -0.94 18.38 1.38
C LYS A 171 -2.12 17.67 0.76
N ALA A 172 -2.05 16.34 0.61
CA ALA A 172 -3.09 15.53 -0.03
C ALA A 172 -4.49 15.56 0.56
N LEU A 173 -4.59 15.19 1.84
CA LEU A 173 -5.87 15.16 2.51
C LEU A 173 -5.97 16.21 3.60
N ALA A 174 -7.19 16.66 3.85
CA ALA A 174 -7.44 17.64 4.90
C ALA A 174 -7.09 16.94 6.23
N GLU A 175 -6.57 17.71 7.16
CA GLU A 175 -6.14 17.22 8.46
C GLU A 175 -6.92 16.04 9.04
N THR A 176 -8.24 16.15 9.16
CA THR A 176 -9.04 15.07 9.74
C THR A 176 -8.95 13.76 8.94
N GLN A 177 -9.12 13.87 7.61
CA GLN A 177 -9.04 12.71 6.72
C GLN A 177 -7.64 12.07 6.85
N ARG A 178 -6.64 12.93 6.66
CA ARG A 178 -5.25 12.54 6.75
C ARG A 178 -5.04 11.72 8.02
N ALA A 179 -5.46 12.27 9.15
CA ALA A 179 -5.31 11.57 10.42
C ALA A 179 -6.00 10.21 10.39
N GLN A 180 -7.18 10.17 9.77
CA GLN A 180 -7.92 8.91 9.70
C GLN A 180 -7.12 7.87 8.93
N LEU A 181 -6.60 8.28 7.78
CA LEU A 181 -5.81 7.38 6.96
C LEU A 181 -4.70 6.78 7.80
N VAL A 182 -3.95 7.67 8.44
CA VAL A 182 -2.83 7.29 9.30
C VAL A 182 -3.24 6.29 10.36
N THR A 183 -4.37 6.58 11.00
CA THR A 183 -4.88 5.72 12.04
C THR A 183 -5.05 4.32 11.48
N TRP A 184 -5.62 4.24 10.29
CA TRP A 184 -5.82 2.95 9.65
C TRP A 184 -4.50 2.23 9.38
N LEU A 185 -3.55 2.95 8.80
CA LEU A 185 -2.25 2.37 8.49
C LEU A 185 -1.53 1.82 9.73
N LYS A 186 -1.53 2.59 10.81
CA LYS A 186 -0.88 2.13 12.03
C LYS A 186 -1.58 0.88 12.57
N GLY A 187 -2.86 0.77 12.27
CA GLY A 187 -3.62 -0.38 12.75
C GLY A 187 -3.54 -1.64 11.92
N ASN A 188 -2.86 -1.56 10.79
CA ASN A 188 -2.75 -2.73 9.92
C ASN A 188 -2.28 -3.98 10.67
N THR A 189 -2.91 -5.12 10.42
CA THR A 189 -2.53 -6.37 11.11
C THR A 189 -1.74 -7.36 10.27
N THR A 190 -1.63 -7.09 8.97
CA THR A 190 -0.95 -7.99 8.03
C THR A 190 0.54 -7.78 7.69
N GLY A 191 1.17 -6.71 8.17
CA GLY A 191 2.56 -6.48 7.82
C GLY A 191 3.60 -6.85 8.86
N SER A 192 3.19 -7.63 9.84
CA SER A 192 4.12 -7.99 10.90
C SER A 192 5.46 -8.53 10.42
N ALA A 193 5.47 -9.38 9.40
CA ALA A 193 6.72 -9.96 8.92
C ALA A 193 7.41 -9.18 7.80
N SER A 194 6.79 -8.11 7.33
CA SER A 194 7.39 -7.34 6.25
C SER A 194 8.28 -6.22 6.79
N ILE A 195 8.07 -5.00 6.30
CA ILE A 195 8.87 -3.89 6.76
C ILE A 195 8.99 -3.78 8.28
N ARG A 196 7.88 -3.87 9.00
CA ARG A 196 7.91 -3.76 10.45
C ARG A 196 8.98 -4.65 11.08
N ALA A 197 9.17 -5.83 10.48
CA ALA A 197 10.15 -6.77 11.03
C ALA A 197 11.58 -6.35 10.79
N GLY A 198 11.79 -5.27 10.04
CA GLY A 198 13.15 -4.85 9.79
C GLY A 198 13.54 -3.57 10.52
N LEU A 199 12.68 -3.11 11.42
CA LEU A 199 12.90 -1.87 12.16
C LEU A 199 12.88 -2.04 13.70
N PRO A 200 13.43 -1.01 14.38
CA PRO A 200 13.43 -1.05 15.85
C PRO A 200 11.98 -1.30 16.36
N LYS A 201 11.73 -2.29 17.24
CA LYS A 201 10.37 -2.54 17.72
C LYS A 201 9.68 -1.38 18.42
N SER A 202 10.49 -0.42 18.85
CA SER A 202 9.96 0.77 19.55
C SER A 202 9.55 1.87 18.60
N TRP A 203 9.72 1.65 17.32
CA TRP A 203 9.36 2.67 16.37
C TRP A 203 7.92 2.50 15.87
N VAL A 204 7.20 3.62 15.64
CA VAL A 204 5.83 3.66 15.16
C VAL A 204 5.73 3.54 13.65
N VAL A 205 4.91 2.61 13.18
CA VAL A 205 4.76 2.34 11.75
C VAL A 205 3.33 2.07 11.33
N GLY A 206 2.96 2.66 10.20
CA GLY A 206 1.65 2.44 9.62
C GLY A 206 1.98 1.88 8.25
N ASP A 207 1.39 0.75 7.88
CA ASP A 207 1.70 0.17 6.57
C ASP A 207 0.56 -0.60 5.91
N LYS A 208 0.72 -0.81 4.60
CA LYS A 208 -0.22 -1.58 3.79
C LYS A 208 0.60 -2.57 2.96
N THR A 209 0.41 -3.86 3.24
CA THR A 209 1.12 -4.93 2.53
C THR A 209 0.48 -5.25 1.17
N GLY A 210 1.07 -6.21 0.47
CA GLY A 210 0.57 -6.64 -0.82
C GLY A 210 1.14 -8.00 -1.19
N SER A 211 0.31 -8.88 -1.75
CA SER A 211 0.76 -10.21 -2.17
C SER A 211 0.09 -10.57 -3.50
N GLY A 212 0.87 -11.15 -4.42
CA GLY A 212 0.31 -11.53 -5.70
C GLY A 212 1.07 -12.66 -6.36
N ASP A 213 0.70 -12.97 -7.60
CA ASP A 213 1.39 -14.03 -8.33
C ASP A 213 2.83 -13.60 -8.62
N TYR A 214 3.63 -14.56 -9.04
CA TYR A 214 5.03 -14.29 -9.34
C TYR A 214 5.72 -13.90 -8.06
N GLY A 215 5.32 -14.56 -6.97
CA GLY A 215 5.89 -14.31 -5.67
C GLY A 215 6.04 -12.83 -5.37
N THR A 216 5.11 -12.01 -5.86
CA THR A 216 5.19 -10.58 -5.62
C THR A 216 4.94 -10.29 -4.16
N THR A 217 5.90 -9.61 -3.53
CA THR A 217 5.81 -9.29 -2.11
C THR A 217 6.04 -7.81 -1.94
N ASN A 218 5.01 -7.11 -1.46
CA ASN A 218 5.10 -5.67 -1.28
C ASN A 218 4.68 -5.19 0.08
N ASP A 219 5.14 -3.98 0.38
CA ASP A 219 4.82 -3.30 1.60
C ASP A 219 5.19 -1.85 1.40
N ILE A 220 4.34 -0.97 1.90
CA ILE A 220 4.59 0.47 1.82
C ILE A 220 4.24 0.98 3.22
N ALA A 221 5.12 1.81 3.74
CA ALA A 221 4.90 2.29 5.09
C ALA A 221 5.38 3.67 5.35
N VAL A 222 4.95 4.21 6.46
CA VAL A 222 5.41 5.49 6.94
C VAL A 222 5.93 5.19 8.33
N ILE A 223 7.14 5.65 8.65
CA ILE A 223 7.78 5.36 9.92
C ILE A 223 8.09 6.59 10.70
N TRP A 224 7.82 6.48 11.97
CA TRP A 224 8.07 7.55 12.93
C TRP A 224 9.13 7.07 13.92
N PRO A 225 10.41 7.38 13.65
CA PRO A 225 11.53 6.98 14.52
C PRO A 225 11.36 7.66 15.88
N GLU A 226 12.03 7.14 16.90
CA GLU A 226 11.92 7.69 18.25
C GLU A 226 12.34 9.15 18.40
N ASN A 227 13.44 9.55 17.77
CA ASN A 227 13.90 10.92 17.87
C ASN A 227 14.30 11.56 16.53
N HIS A 228 13.62 11.15 15.46
CA HIS A 228 13.86 11.70 14.12
C HIS A 228 12.58 11.94 13.32
N ALA A 229 12.69 12.78 12.31
CA ALA A 229 11.57 13.10 11.44
C ALA A 229 11.09 11.79 10.82
N PRO A 230 9.88 11.78 10.24
CA PRO A 230 9.37 10.55 9.64
C PRO A 230 10.13 10.08 8.39
N LEU A 231 9.96 8.80 8.09
CA LEU A 231 10.55 8.19 6.91
C LEU A 231 9.42 7.49 6.15
N VAL A 232 9.38 7.66 4.84
CA VAL A 232 8.38 7.00 4.01
C VAL A 232 9.12 5.96 3.17
N LEU A 233 8.73 4.70 3.31
CA LEU A 233 9.38 3.60 2.61
C LEU A 233 8.49 2.66 1.82
N VAL A 234 8.83 2.45 0.55
CA VAL A 234 8.10 1.53 -0.33
C VAL A 234 9.06 0.40 -0.70
N THR A 235 8.62 -0.83 -0.50
CA THR A 235 9.45 -1.99 -0.86
C THR A 235 8.62 -3.01 -1.64
N TYR A 236 8.89 -3.07 -2.94
CA TYR A 236 8.21 -3.97 -3.86
C TYR A 236 9.19 -5.05 -4.28
N PHE A 237 8.71 -6.29 -4.39
CA PHE A 237 9.57 -7.38 -4.79
C PHE A 237 8.78 -8.38 -5.61
N THR A 238 9.33 -8.80 -6.74
CA THR A 238 8.64 -9.73 -7.61
C THR A 238 9.62 -10.73 -8.22
N GLN A 239 9.11 -11.89 -8.64
CA GLN A 239 9.97 -12.94 -9.18
C GLN A 239 9.63 -13.40 -10.60
N PRO A 240 10.55 -14.14 -11.24
CA PRO A 240 10.33 -14.65 -12.61
C PRO A 240 9.34 -15.80 -12.77
N GLU A 241 9.29 -16.72 -11.81
CA GLU A 241 8.37 -17.85 -11.94
C GLU A 241 7.00 -17.53 -11.34
N GLN A 242 5.98 -17.67 -12.17
CA GLN A 242 4.60 -17.39 -11.78
C GLN A 242 4.17 -17.91 -10.41
N LYS A 243 4.71 -19.05 -9.99
CA LYS A 243 4.31 -19.59 -8.71
C LYS A 243 5.38 -19.56 -7.62
N ALA A 244 6.22 -18.53 -7.66
CA ALA A 244 7.27 -18.35 -6.67
C ALA A 244 6.64 -18.00 -5.31
N GLU A 245 7.28 -18.39 -4.22
CA GLU A 245 6.75 -18.09 -2.88
C GLU A 245 6.94 -16.61 -2.56
N ARG A 246 6.20 -16.08 -1.59
CA ARG A 246 6.38 -14.68 -1.20
C ARG A 246 7.62 -14.61 -0.33
N ARG A 247 8.28 -13.47 -0.34
CA ARG A 247 9.50 -13.31 0.44
C ARG A 247 9.43 -12.05 1.28
N ARG A 248 8.52 -12.06 2.25
CA ARG A 248 8.39 -10.88 3.10
C ARG A 248 9.73 -10.58 3.76
N ASP A 249 10.48 -11.63 4.10
CA ASP A 249 11.77 -11.47 4.74
C ASP A 249 12.66 -10.56 3.91
N ILE A 250 12.55 -10.65 2.59
CA ILE A 250 13.35 -9.80 1.73
C ILE A 250 12.99 -8.35 2.00
N LEU A 251 11.69 -8.09 2.15
CA LEU A 251 11.22 -6.73 2.42
C LEU A 251 11.83 -6.23 3.72
N ALA A 252 11.81 -7.10 4.73
CA ALA A 252 12.37 -6.75 6.04
C ALA A 252 13.85 -6.40 5.88
N ALA A 253 14.57 -7.22 5.11
CA ALA A 253 16.00 -7.01 4.87
C ALA A 253 16.21 -5.64 4.22
N ALA A 254 15.39 -5.34 3.22
CA ALA A 254 15.49 -4.07 2.54
C ALA A 254 15.34 -2.97 3.59
N ALA A 255 14.25 -3.01 4.35
CA ALA A 255 14.00 -2.01 5.39
C ALA A 255 15.15 -1.85 6.36
N LYS A 256 15.66 -2.98 6.86
CA LYS A 256 16.78 -2.94 7.79
C LYS A 256 17.93 -2.17 7.13
N ILE A 257 18.24 -2.57 5.91
CA ILE A 257 19.32 -1.96 5.14
C ILE A 257 19.22 -0.44 5.02
N VAL A 258 18.11 0.03 4.50
CA VAL A 258 17.93 1.46 4.28
C VAL A 258 17.68 2.32 5.51
N THR A 259 17.05 1.69 6.47
CA THR A 259 16.65 2.23 7.79
C THR A 259 17.88 2.53 8.65
N HIS A 260 19.00 1.91 8.31
CA HIS A 260 20.25 2.04 9.06
C HIS A 260 20.80 3.49 9.04
N GLY A 261 21.11 3.94 10.24
CA GLY A 261 21.67 5.27 10.41
C GLY A 261 20.55 6.26 10.74
N PHE A 262 19.32 5.77 10.99
CA PHE A 262 18.22 6.65 11.41
C PHE A 262 17.74 6.24 12.80
S SO4 B . -1.11 20.43 -3.58
O1 SO4 B . -0.22 21.61 -3.49
O2 SO4 B . -1.71 20.38 -4.92
O3 SO4 B . -2.19 20.56 -2.57
O4 SO4 B . -0.34 19.20 -3.32
S SO4 C . -7.68 20.22 -2.13
O1 SO4 C . -8.13 21.32 -1.26
O2 SO4 C . -8.84 19.43 -2.58
O3 SO4 C . -6.77 19.35 -1.37
O4 SO4 C . -6.99 20.79 -3.31
S SO4 D . 15.72 6.94 17.01
O1 SO4 D . 14.82 7.94 16.42
O2 SO4 D . 16.53 6.31 15.93
O3 SO4 D . 14.96 5.89 17.70
O4 SO4 D . 16.63 7.59 17.97
O8 PNM E . -2.65 -7.79 -2.36
C7 PNM E . -3.79 -7.75 -1.89
N4 PNM E . -3.47 -8.47 0.32
C3 PNM E . -2.42 -9.45 0.71
C11 PNM E . -1.36 -8.80 1.60
O13 PNM E . -0.23 -9.33 1.64
O12 PNM E . -1.69 -7.79 2.24
C2 PNM E . -3.11 -10.65 1.36
C10 PNM E . -2.17 -11.85 1.43
C9 PNM E . -3.61 -10.30 2.78
S1 PNM E . -4.51 -11.00 0.22
C5 PNM E . -4.60 -9.24 -0.24
C6 PNM E . -4.58 -9.01 -1.75
N14 PNM E . -3.93 -10.12 -2.46
C15 PNM E . -4.61 -11.13 -2.98
O16 PNM E . -5.84 -11.16 -3.02
C17 PNM E . -3.80 -12.21 -3.65
C18 PNM E . -3.24 -13.21 -2.69
C19 PNM E . -1.87 -13.50 -2.70
C20 PNM E . -1.33 -14.46 -1.81
C21 PNM E . -2.17 -15.14 -0.93
C22 PNM E . -3.54 -14.85 -0.93
C23 PNM E . -4.06 -13.90 -1.81
#